data_1G6G
#
_entry.id   1G6G
#
_cell.length_a   33.191
_cell.length_b   79.609
_cell.length_c   131.467
_cell.angle_alpha   90.00
_cell.angle_beta   90.00
_cell.angle_gamma   90.00
#
_symmetry.space_group_name_H-M   'P 21 21 21'
#
loop_
_entity.id
_entity.type
_entity.pdbx_description
1 polymer 'PROTEIN KINASE RAD53'
2 polymer SER-LEU-GLU-VAL-TPO-GLU-ALA-ASPALA-THR-PHE-ALA-LYS
3 water water
#
loop_
_entity_poly.entity_id
_entity_poly.type
_entity_poly.pdbx_seq_one_letter_code
_entity_poly.pdbx_strand_id
1 'polypeptide(L)'
;GENIVCRVICTTGQIPIRDLSADISQVLKEKRSIKKVWTFGRNPACDYHLGNISRLSNKHFQILLGEDGNLLLNDISTNG
TWLNGQKVEKNSNQLLSQGDEITVGVGVESDILSLVIFINDKFKQCL
;
A,B
2 'polypeptide(L)' SLEV(TPO)EADATFAK E,F
#
# COMPACT_ATOMS: atom_id res chain seq x y z
N GLY A 1 10.90 -11.69 17.06
CA GLY A 1 10.35 -11.37 15.71
C GLY A 1 9.86 -12.58 14.95
N GLU A 2 8.90 -13.30 15.53
CA GLU A 2 8.35 -14.52 14.94
C GLU A 2 7.13 -14.32 14.02
N ASN A 3 6.13 -13.59 14.49
CA ASN A 3 4.87 -13.42 13.77
C ASN A 3 4.63 -11.98 13.27
N ILE A 4 3.99 -11.82 12.11
CA ILE A 4 3.73 -10.49 11.55
C ILE A 4 2.61 -9.73 12.27
N VAL A 5 2.96 -8.55 12.78
CA VAL A 5 2.01 -7.67 13.46
C VAL A 5 1.34 -6.73 12.48
N CYS A 6 2.14 -6.17 11.55
CA CYS A 6 1.55 -5.33 10.53
C CYS A 6 2.51 -5.18 9.37
N ARG A 7 1.96 -4.76 8.26
CA ARG A 7 2.73 -4.51 7.05
C ARG A 7 2.74 -3.01 6.81
N VAL A 8 3.93 -2.48 6.47
CA VAL A 8 4.09 -1.05 6.22
C VAL A 8 4.40 -0.86 4.76
N ILE A 9 3.51 -0.18 4.05
CA ILE A 9 3.74 0.05 2.62
C ILE A 9 4.03 1.54 2.38
N CYS A 10 5.23 1.83 1.86
CA CYS A 10 5.54 3.23 1.53
C CYS A 10 4.92 3.57 0.17
N THR A 11 4.11 4.64 0.15
CA THR A 11 3.38 5.02 -1.06
C THR A 11 4.09 6.07 -1.90
N THR A 12 5.21 6.60 -1.40
CA THR A 12 5.87 7.70 -2.07
C THR A 12 7.16 7.30 -2.81
N GLY A 13 7.46 6.02 -2.78
CA GLY A 13 8.54 5.46 -3.59
C GLY A 13 9.91 5.23 -3.02
N GLN A 14 10.18 5.71 -1.82
CA GLN A 14 11.54 5.61 -1.31
C GLN A 14 11.93 4.28 -0.73
N ILE A 15 10.96 3.51 -0.23
CA ILE A 15 11.23 2.30 0.54
C ILE A 15 10.32 1.16 0.13
N PRO A 16 10.84 -0.06 0.05
CA PRO A 16 10.02 -1.21 -0.32
C PRO A 16 9.14 -1.65 0.87
N ILE A 17 8.26 -2.62 0.65
CA ILE A 17 7.40 -3.08 1.75
C ILE A 17 8.24 -3.71 2.87
N ARG A 18 7.83 -3.44 4.11
CA ARG A 18 8.53 -3.97 5.28
C ARG A 18 7.49 -4.42 6.27
N ASP A 19 7.76 -5.53 6.96
CA ASP A 19 6.83 -5.99 7.99
C ASP A 19 7.40 -5.74 9.38
N LEU A 20 6.51 -5.43 10.33
CA LEU A 20 6.90 -5.36 11.74
C LEU A 20 6.45 -6.68 12.37
N SER A 21 7.36 -7.35 13.06
CA SER A 21 7.11 -8.67 13.63
C SER A 21 7.36 -8.70 15.13
N ALA A 22 6.80 -9.73 15.77
CA ALA A 22 6.99 -9.98 17.19
C ALA A 22 6.76 -11.46 17.49
N ASP A 23 7.37 -11.94 18.56
CA ASP A 23 7.20 -13.32 19.03
C ASP A 23 6.25 -13.27 20.21
N ILE A 24 5.07 -13.86 20.05
CA ILE A 24 4.04 -13.81 21.10
C ILE A 24 4.59 -14.29 22.44
N SER A 25 5.37 -15.35 22.41
CA SER A 25 5.97 -15.88 23.64
C SER A 25 6.81 -14.87 24.40
N GLN A 26 7.69 -14.15 23.71
CA GLN A 26 8.52 -13.14 24.37
C GLN A 26 7.68 -11.94 24.80
N VAL A 27 6.62 -11.66 24.04
CA VAL A 27 5.69 -10.59 24.36
C VAL A 27 4.93 -10.87 25.65
N LEU A 28 4.60 -12.13 25.88
CA LEU A 28 3.89 -12.49 27.10
C LEU A 28 4.77 -12.27 28.34
N LYS A 29 6.08 -12.38 28.14
CA LYS A 29 7.05 -12.24 29.22
C LYS A 29 7.23 -10.81 29.69
N GLU A 30 6.99 -9.84 28.81
CA GLU A 30 7.18 -8.43 29.15
C GLU A 30 6.18 -7.99 30.22
N LYS A 31 6.70 -7.42 31.31
CA LYS A 31 5.82 -7.01 32.41
C LYS A 31 5.16 -5.64 32.18
N ARG A 32 5.84 -4.77 31.45
CA ARG A 32 5.31 -3.44 31.14
C ARG A 32 4.06 -3.55 30.27
N SER A 33 3.26 -2.47 30.25
CA SER A 33 2.05 -2.45 29.45
C SER A 33 2.35 -2.47 27.97
N ILE A 34 3.41 -1.76 27.57
CA ILE A 34 3.83 -1.79 26.17
C ILE A 34 4.75 -3.00 26.01
N LYS A 35 4.33 -3.91 25.16
CA LYS A 35 4.97 -5.20 25.00
C LYS A 35 6.11 -5.21 23.97
N LYS A 36 6.06 -4.27 23.03
CA LYS A 36 7.16 -4.15 22.04
C LYS A 36 7.10 -2.72 21.46
N VAL A 37 8.25 -2.20 21.05
CA VAL A 37 8.34 -0.87 20.46
C VAL A 37 9.14 -0.99 19.16
N TRP A 38 8.63 -0.38 18.10
CA TRP A 38 9.39 -0.24 16.83
C TRP A 38 9.63 1.26 16.63
N THR A 39 10.90 1.62 16.36
CA THR A 39 11.26 3.00 16.17
C THR A 39 11.55 3.28 14.71
N PHE A 40 11.04 4.40 14.25
CA PHE A 40 11.21 4.87 12.85
C PHE A 40 12.05 6.13 12.92
N GLY A 41 13.13 6.24 12.11
CA GLY A 41 13.95 7.45 12.21
C GLY A 41 15.07 7.46 11.17
N ARG A 42 15.77 8.60 11.15
CA ARG A 42 16.94 8.79 10.27
C ARG A 42 18.14 7.96 10.74
N ASN A 43 18.23 7.67 12.04
CA ASN A 43 19.33 6.86 12.57
C ASN A 43 19.13 5.41 12.14
N PRO A 44 20.05 4.80 11.40
CA PRO A 44 19.86 3.40 10.98
C PRO A 44 19.83 2.38 12.14
N ALA A 45 20.07 2.84 13.36
CA ALA A 45 19.91 1.95 14.51
C ALA A 45 18.43 1.67 14.74
N CYS A 46 17.56 2.52 14.20
CA CYS A 46 16.10 2.31 14.30
C CYS A 46 15.64 1.03 13.59
N ASP A 47 14.50 0.49 14.03
CA ASP A 47 13.90 -0.66 13.36
C ASP A 47 13.54 -0.40 11.90
N TYR A 48 13.07 0.82 11.61
CA TYR A 48 12.63 1.19 10.27
C TYR A 48 13.36 2.48 9.91
N HIS A 49 14.24 2.40 8.90
CA HIS A 49 15.07 3.52 8.50
C HIS A 49 14.30 4.43 7.56
N LEU A 50 14.17 5.71 7.91
CA LEU A 50 13.45 6.66 7.08
C LEU A 50 14.33 7.30 6.01
N GLY A 51 15.64 7.08 6.07
CA GLY A 51 16.57 7.71 5.12
C GLY A 51 17.35 8.90 5.68
N ASN A 52 18.35 9.34 4.93
CA ASN A 52 19.22 10.44 5.33
C ASN A 52 18.65 11.79 4.93
N ILE A 53 17.53 12.12 5.55
CA ILE A 53 16.82 13.36 5.30
C ILE A 53 16.97 14.24 6.54
N SER A 54 17.65 15.38 6.40
CA SER A 54 18.04 16.16 7.58
C SER A 54 16.92 16.72 8.45
N ARG A 55 15.75 16.91 7.83
CA ARG A 55 14.60 17.44 8.56
C ARG A 55 13.91 16.31 9.30
N LEU A 56 14.26 15.07 9.01
CA LEU A 56 13.66 13.96 9.79
C LEU A 56 14.50 13.71 11.05
N SER A 57 13.84 13.37 12.15
CA SER A 57 14.59 13.14 13.36
C SER A 57 15.28 11.77 13.40
N ASN A 58 16.40 11.72 14.12
CA ASN A 58 17.16 10.49 14.33
C ASN A 58 16.25 9.38 14.84
N LYS A 59 15.42 9.74 15.84
CA LYS A 59 14.32 8.85 16.33
C LYS A 59 13.09 9.75 16.15
N HIS A 60 12.24 9.38 15.20
CA HIS A 60 11.19 10.30 14.74
C HIS A 60 9.81 9.97 15.31
N PHE A 61 9.40 8.72 15.10
CA PHE A 61 8.16 8.24 15.76
C PHE A 61 8.29 6.81 16.18
N GLN A 62 7.47 6.39 17.13
CA GLN A 62 7.47 4.98 17.56
C GLN A 62 6.05 4.39 17.42
N ILE A 63 6.03 3.10 17.11
CA ILE A 63 4.78 2.33 17.11
C ILE A 63 4.90 1.37 18.30
N LEU A 64 3.90 1.44 19.17
CA LEU A 64 3.88 0.67 20.41
C LEU A 64 2.85 -0.45 20.34
N LEU A 65 3.24 -1.66 20.74
CA LEU A 65 2.32 -2.80 20.83
C LEU A 65 1.80 -2.82 22.24
N GLY A 66 0.50 -2.58 22.38
CA GLY A 66 -0.12 -2.58 23.71
C GLY A 66 -0.46 -3.95 24.25
N GLU A 67 -0.94 -3.95 25.48
CA GLU A 67 -1.19 -5.18 26.21
C GLU A 67 -2.19 -6.17 25.57
N ASP A 68 -3.16 -5.66 24.83
CA ASP A 68 -4.16 -6.51 24.17
C ASP A 68 -3.95 -6.49 22.66
N GLY A 69 -2.77 -6.02 22.24
CA GLY A 69 -2.47 -6.01 20.82
C GLY A 69 -2.78 -4.72 20.08
N ASN A 70 -3.28 -3.69 20.76
CA ASN A 70 -3.52 -2.40 20.07
C ASN A 70 -2.17 -1.87 19.57
N LEU A 71 -2.21 -1.15 18.45
CA LEU A 71 -1.01 -0.47 17.92
C LEU A 71 -1.17 1.01 18.15
N LEU A 72 -0.17 1.64 18.78
CA LEU A 72 -0.23 3.06 19.10
C LEU A 72 0.89 3.85 18.43
N LEU A 73 0.54 4.98 17.86
CA LEU A 73 1.55 5.86 17.26
C LEU A 73 1.95 6.93 18.25
N ASN A 74 3.24 7.14 18.45
CA ASN A 74 3.72 8.25 19.28
C ASN A 74 4.79 9.06 18.57
N ASP A 75 4.45 10.30 18.30
CA ASP A 75 5.38 11.22 17.67
C ASP A 75 6.41 11.73 18.66
N ILE A 76 7.70 11.64 18.34
CA ILE A 76 8.74 12.15 19.24
C ILE A 76 9.72 13.04 18.45
N SER A 77 9.21 13.59 17.35
CA SER A 77 10.10 14.27 16.42
C SER A 77 10.25 15.76 16.68
N THR A 78 11.19 16.38 15.98
CA THR A 78 11.30 17.83 16.00
C THR A 78 10.29 18.51 15.04
N ASN A 79 10.19 17.99 13.81
CA ASN A 79 9.36 18.66 12.79
C ASN A 79 7.95 18.15 12.56
N GLY A 80 7.58 17.04 13.19
CA GLY A 80 6.22 16.53 13.20
C GLY A 80 5.93 15.22 12.50
N THR A 81 4.81 14.62 12.89
CA THR A 81 4.31 13.41 12.26
C THR A 81 2.82 13.65 12.00
N TRP A 82 2.37 13.17 10.85
CA TRP A 82 0.99 13.37 10.41
C TRP A 82 0.28 12.01 10.32
N LEU A 83 -0.98 11.98 10.76
CA LEU A 83 -1.80 10.79 10.70
C LEU A 83 -3.06 11.15 9.89
N ASN A 84 -3.25 10.47 8.76
CA ASN A 84 -4.37 10.76 7.86
C ASN A 84 -4.49 12.25 7.54
N GLY A 85 -3.34 12.86 7.24
CA GLY A 85 -3.32 14.25 6.84
C GLY A 85 -3.31 15.30 7.94
N GLN A 86 -3.41 14.86 9.19
CA GLN A 86 -3.46 15.77 10.33
C GLN A 86 -2.23 15.65 11.21
N LYS A 87 -1.63 16.81 11.52
CA LYS A 87 -0.44 16.83 12.38
C LYS A 87 -0.83 16.39 13.78
N VAL A 88 -0.19 15.35 14.28
CA VAL A 88 -0.53 14.85 15.61
C VAL A 88 0.14 15.65 16.72
N GLU A 89 -0.48 15.67 17.90
CA GLU A 89 0.14 16.27 19.06
C GLU A 89 1.39 15.46 19.42
N LYS A 90 2.49 16.16 19.67
CA LYS A 90 3.72 15.46 20.07
C LYS A 90 3.55 14.70 21.38
N ASN A 91 4.06 13.47 21.40
CA ASN A 91 4.09 12.60 22.58
C ASN A 91 2.70 12.30 23.11
N SER A 92 1.72 12.27 22.21
CA SER A 92 0.33 11.90 22.56
C SER A 92 -0.04 10.61 21.82
N ASN A 93 -0.21 9.50 22.52
CA ASN A 93 -0.46 8.22 21.83
C ASN A 93 -1.72 8.28 20.97
N GLN A 94 -1.64 7.79 19.73
CA GLN A 94 -2.80 7.74 18.84
C GLN A 94 -3.07 6.28 18.53
N LEU A 95 -4.31 5.83 18.73
CA LEU A 95 -4.64 4.45 18.42
C LEU A 95 -4.77 4.27 16.92
N LEU A 96 -3.95 3.37 16.37
CA LEU A 96 -3.93 3.12 14.93
C LEU A 96 -5.03 2.17 14.47
N SER A 97 -5.44 2.37 13.23
CA SER A 97 -6.47 1.55 12.60
C SER A 97 -6.00 1.08 11.23
N GLN A 98 -6.69 0.07 10.71
CA GLN A 98 -6.45 -0.50 9.40
C GLN A 98 -6.40 0.59 8.32
N GLY A 99 -5.31 0.63 7.57
CA GLY A 99 -5.23 1.56 6.45
C GLY A 99 -4.82 2.98 6.80
N ASP A 100 -4.48 3.23 8.06
CA ASP A 100 -4.06 4.58 8.45
C ASP A 100 -2.79 4.96 7.70
N GLU A 101 -2.72 6.23 7.36
CA GLU A 101 -1.57 6.79 6.63
C GLU A 101 -0.72 7.63 7.56
N ILE A 102 0.56 7.27 7.70
CA ILE A 102 1.47 8.02 8.59
C ILE A 102 2.46 8.76 7.70
N THR A 103 2.63 10.06 7.90
CA THR A 103 3.46 10.84 6.96
C THR A 103 4.45 11.72 7.69
N VAL A 104 5.68 11.80 7.17
CA VAL A 104 6.69 12.67 7.74
C VAL A 104 7.25 13.58 6.65
N GLY A 105 7.93 14.64 7.06
CA GLY A 105 8.55 15.52 6.07
C GLY A 105 7.67 16.63 5.54
N VAL A 106 6.39 16.65 5.92
CA VAL A 106 5.45 17.69 5.46
C VAL A 106 6.03 19.08 5.69
N GLY A 107 5.94 19.95 4.66
CA GLY A 107 6.52 21.28 4.78
C GLY A 107 7.55 21.53 3.70
N VAL A 108 8.12 20.45 3.19
CA VAL A 108 8.99 20.48 2.03
C VAL A 108 8.53 19.33 1.14
N GLU A 109 7.85 19.66 0.05
CA GLU A 109 7.28 18.64 -0.83
C GLU A 109 8.23 17.47 -1.14
N SER A 110 9.48 17.79 -1.48
CA SER A 110 10.45 16.78 -1.85
C SER A 110 10.83 15.83 -0.73
N ASP A 111 10.57 16.22 0.51
CA ASP A 111 10.93 15.39 1.67
C ASP A 111 9.79 14.49 2.14
N ILE A 112 8.60 14.64 1.57
CA ILE A 112 7.43 13.89 2.06
C ILE A 112 7.65 12.40 1.87
N LEU A 113 7.50 11.65 2.95
CA LEU A 113 7.60 10.20 2.93
C LEU A 113 6.32 9.71 3.62
N SER A 114 5.48 8.95 2.90
CA SER A 114 4.21 8.50 3.44
C SER A 114 4.09 6.98 3.48
N LEU A 115 3.45 6.47 4.53
CA LEU A 115 3.40 5.05 4.82
C LEU A 115 1.97 4.69 5.13
N VAL A 116 1.53 3.52 4.67
CA VAL A 116 0.19 3.06 5.00
C VAL A 116 0.33 1.76 5.79
N ILE A 117 -0.40 1.65 6.91
CA ILE A 117 -0.29 0.47 7.77
C ILE A 117 -1.44 -0.51 7.57
N PHE A 118 -1.10 -1.78 7.39
CA PHE A 118 -2.10 -2.84 7.35
C PHE A 118 -1.84 -3.77 8.52
N ILE A 119 -2.86 -3.93 9.35
CA ILE A 119 -2.70 -4.67 10.59
C ILE A 119 -3.17 -6.12 10.44
N ASN A 120 -2.40 -7.04 10.99
CA ASN A 120 -2.72 -8.47 10.95
C ASN A 120 -3.65 -8.78 12.12
N ASP A 121 -4.95 -8.84 11.84
CA ASP A 121 -5.94 -9.05 12.89
C ASP A 121 -5.74 -10.40 13.57
N LYS A 122 -5.22 -11.36 12.82
CA LYS A 122 -4.98 -12.70 13.34
C LYS A 122 -3.93 -12.69 14.45
N PHE A 123 -2.89 -11.87 14.29
CA PHE A 123 -1.86 -11.77 15.32
C PHE A 123 -2.51 -11.26 16.59
N LYS A 124 -3.38 -10.28 16.44
CA LYS A 124 -4.03 -9.67 17.60
C LYS A 124 -4.91 -10.69 18.32
N GLN A 125 -5.72 -11.42 17.55
CA GLN A 125 -6.55 -12.49 18.09
C GLN A 125 -5.71 -13.51 18.85
N CYS A 126 -4.64 -13.96 18.22
CA CYS A 126 -3.74 -14.95 18.79
C CYS A 126 -3.04 -14.47 20.07
N LEU A 127 -2.70 -13.19 20.11
CA LEU A 127 -2.09 -12.60 21.30
C LEU A 127 -3.12 -12.57 22.42
N ILE B 4 -7.00 12.76 -9.07
CA ILE B 4 -6.38 11.41 -8.95
C ILE B 4 -7.29 10.47 -8.17
N VAL B 5 -7.57 9.31 -8.77
CA VAL B 5 -8.48 8.34 -8.17
C VAL B 5 -7.74 7.34 -7.29
N CYS B 6 -6.58 6.89 -7.76
CA CYS B 6 -5.79 5.95 -6.98
C CYS B 6 -4.34 5.91 -7.43
N ARG B 7 -3.50 5.41 -6.53
CA ARG B 7 -2.09 5.17 -6.82
C ARG B 7 -1.81 3.66 -6.92
N VAL B 8 -1.08 3.29 -7.95
CA VAL B 8 -0.71 1.88 -8.16
C VAL B 8 0.75 1.74 -7.78
N ILE B 9 1.02 0.94 -6.75
CA ILE B 9 2.38 0.68 -6.29
C ILE B 9 2.75 -0.72 -6.72
N CYS B 10 3.72 -0.84 -7.61
CA CYS B 10 4.25 -2.13 -8.05
C CYS B 10 5.28 -2.59 -7.04
N THR B 11 4.94 -3.61 -6.27
CA THR B 11 5.83 -4.12 -5.23
C THR B 11 6.96 -5.02 -5.75
N THR B 12 6.83 -5.52 -6.98
CA THR B 12 7.86 -6.42 -7.54
C THR B 12 8.98 -5.71 -8.33
N GLY B 13 8.91 -4.39 -8.40
CA GLY B 13 9.98 -3.58 -8.96
C GLY B 13 10.07 -3.26 -10.43
N GLN B 14 9.21 -3.85 -11.26
CA GLN B 14 9.31 -3.62 -12.69
C GLN B 14 8.79 -2.27 -13.17
N ILE B 15 7.92 -1.65 -12.39
CA ILE B 15 7.25 -0.44 -12.84
C ILE B 15 7.26 0.68 -11.79
N PRO B 16 7.51 1.91 -12.20
CA PRO B 16 7.48 3.04 -11.26
C PRO B 16 6.03 3.36 -10.84
N ILE B 17 5.92 4.17 -9.80
CA ILE B 17 4.63 4.60 -9.29
C ILE B 17 3.86 5.31 -10.35
N ARG B 18 2.57 4.98 -10.46
CA ARG B 18 1.67 5.59 -11.42
C ARG B 18 0.38 5.90 -10.68
N ASP B 19 -0.25 7.03 -11.02
CA ASP B 19 -1.55 7.39 -10.50
C ASP B 19 -2.58 7.31 -11.65
N LEU B 20 -3.79 6.91 -11.32
CA LEU B 20 -4.89 6.88 -12.29
C LEU B 20 -5.79 8.07 -12.03
N SER B 21 -6.25 8.71 -13.11
CA SER B 21 -7.05 9.93 -12.98
C SER B 21 -8.41 9.83 -13.69
N ALA B 22 -9.28 10.79 -13.35
CA ALA B 22 -10.61 10.88 -13.93
C ALA B 22 -11.23 12.24 -13.61
N ASP B 23 -11.60 12.99 -14.65
CA ASP B 23 -12.23 14.31 -14.45
C ASP B 23 -13.60 14.12 -13.81
N ILE B 24 -13.75 14.59 -12.58
CA ILE B 24 -14.96 14.40 -11.78
C ILE B 24 -16.22 15.04 -12.35
N SER B 25 -16.11 16.25 -12.90
CA SER B 25 -17.28 16.91 -13.47
C SER B 25 -17.87 16.05 -14.59
N GLN B 26 -17.00 15.59 -15.48
CA GLN B 26 -17.41 14.79 -16.63
C GLN B 26 -17.86 13.38 -16.22
N VAL B 27 -17.41 12.93 -15.06
CA VAL B 27 -17.81 11.62 -14.54
C VAL B 27 -19.28 11.62 -14.12
N LEU B 28 -19.75 12.76 -13.63
CA LEU B 28 -21.15 12.88 -13.22
C LEU B 28 -22.02 13.21 -14.42
N LYS B 29 -21.38 13.66 -15.50
CA LYS B 29 -22.06 13.99 -16.73
C LYS B 29 -22.39 12.69 -17.48
N GLU B 30 -21.73 11.61 -17.11
CA GLU B 30 -21.93 10.33 -17.77
C GLU B 30 -22.96 9.47 -17.05
N LYS B 31 -23.81 8.84 -17.85
CA LYS B 31 -24.95 8.08 -17.34
C LYS B 31 -24.64 6.64 -16.98
N ARG B 32 -23.87 5.98 -17.84
CA ARG B 32 -23.64 4.54 -17.65
C ARG B 32 -23.02 4.16 -16.32
N SER B 33 -23.71 3.27 -15.62
CA SER B 33 -23.31 2.72 -14.32
C SER B 33 -21.79 2.59 -14.15
N ILE B 34 -21.07 2.43 -15.26
CA ILE B 34 -19.62 2.39 -15.22
C ILE B 34 -19.12 3.73 -15.74
N LYS B 35 -18.42 4.48 -14.87
CA LYS B 35 -17.98 5.82 -15.21
C LYS B 35 -16.71 5.90 -16.03
N LYS B 36 -15.76 5.00 -15.79
CA LYS B 36 -14.51 4.98 -16.54
C LYS B 36 -13.86 3.61 -16.46
N VAL B 37 -13.04 3.31 -17.46
CA VAL B 37 -12.32 2.03 -17.51
C VAL B 37 -10.84 2.27 -17.76
N TRP B 38 -9.99 1.69 -16.92
CA TRP B 38 -8.56 1.74 -17.18
C TRP B 38 -8.14 0.31 -17.51
N THR B 39 -7.39 0.15 -18.58
CA THR B 39 -6.96 -1.19 -18.99
C THR B 39 -5.51 -1.41 -18.62
N PHE B 40 -5.23 -2.61 -18.10
CA PHE B 40 -3.88 -3.03 -17.74
C PHE B 40 -3.51 -4.19 -18.65
N GLY B 41 -2.39 -4.09 -19.36
CA GLY B 41 -1.99 -5.18 -20.25
C GLY B 41 -0.64 -4.99 -20.90
N ARG B 42 -0.26 -5.97 -21.72
CA ARG B 42 1.00 -5.98 -22.45
C ARG B 42 0.95 -5.01 -23.64
N ASN B 43 -0.26 -4.75 -24.15
CA ASN B 43 -0.41 -3.84 -25.28
C ASN B 43 -0.14 -2.41 -24.80
N PRO B 44 0.80 -1.72 -25.45
CA PRO B 44 1.16 -0.34 -25.05
C PRO B 44 0.02 0.66 -25.23
N ALA B 45 -1.07 0.25 -25.85
CA ALA B 45 -2.24 1.11 -25.99
C ALA B 45 -3.04 1.14 -24.69
N CYS B 46 -2.72 0.21 -23.79
CA CYS B 46 -3.41 0.16 -22.51
C CYS B 46 -3.08 1.39 -21.69
N ASP B 47 -3.96 1.73 -20.76
CA ASP B 47 -3.73 2.86 -19.87
C ASP B 47 -2.48 2.62 -19.03
N TYR B 48 -2.35 1.39 -18.54
CA TYR B 48 -1.23 0.99 -17.69
C TYR B 48 -0.54 -0.19 -18.33
N HIS B 49 0.70 0.03 -18.77
CA HIS B 49 1.47 -1.00 -19.43
C HIS B 49 2.08 -1.95 -18.41
N LEU B 50 1.86 -3.25 -18.58
CA LEU B 50 2.41 -4.23 -17.65
C LEU B 50 3.78 -4.72 -18.08
N GLY B 51 4.20 -4.38 -19.30
CA GLY B 51 5.50 -4.81 -19.77
C GLY B 51 5.43 -5.93 -20.79
N ASN B 52 6.55 -6.19 -21.48
CA ASN B 52 6.59 -7.19 -22.54
C ASN B 52 6.81 -8.61 -22.02
N ILE B 53 5.86 -9.09 -21.24
CA ILE B 53 5.93 -10.44 -20.69
C ILE B 53 4.93 -11.27 -21.51
N SER B 54 5.44 -12.24 -22.27
CA SER B 54 4.65 -13.00 -23.25
C SER B 54 3.40 -13.69 -22.71
N ARG B 55 3.46 -14.14 -21.46
CA ARG B 55 2.33 -14.80 -20.82
C ARG B 55 1.26 -13.84 -20.30
N LEU B 56 1.56 -12.54 -20.32
CA LEU B 56 0.53 -11.59 -19.91
C LEU B 56 -0.29 -11.22 -21.15
N SER B 57 -1.58 -10.99 -20.95
CA SER B 57 -2.45 -10.68 -22.09
C SER B 57 -2.29 -9.24 -22.59
N ASN B 58 -2.55 -9.04 -23.88
CA ASN B 58 -2.50 -7.69 -24.47
C ASN B 58 -3.39 -6.75 -23.67
N LYS B 59 -4.60 -7.20 -23.37
CA LYS B 59 -5.50 -6.53 -22.45
C LYS B 59 -5.74 -7.56 -21.35
N HIS B 60 -5.13 -7.36 -20.19
CA HIS B 60 -5.10 -8.39 -19.14
C HIS B 60 -6.18 -8.25 -18.09
N PHE B 61 -6.27 -7.06 -17.48
CA PHE B 61 -7.38 -6.82 -16.56
C PHE B 61 -7.83 -5.37 -16.66
N GLN B 62 -9.02 -5.10 -16.12
CA GLN B 62 -9.55 -3.75 -16.11
C GLN B 62 -9.83 -3.31 -14.68
N ILE B 63 -9.65 -2.01 -14.44
CA ILE B 63 -10.11 -1.42 -13.19
C ILE B 63 -11.24 -0.49 -13.64
N LEU B 64 -12.39 -0.63 -13.00
CA LEU B 64 -13.56 0.12 -13.40
C LEU B 64 -14.02 1.06 -12.30
N LEU B 65 -14.34 2.30 -12.70
CA LEU B 65 -14.88 3.27 -11.77
C LEU B 65 -16.40 3.18 -11.84
N GLY B 66 -17.04 2.73 -10.76
CA GLY B 66 -18.49 2.64 -10.70
C GLY B 66 -19.14 3.99 -10.44
N GLU B 67 -20.47 4.02 -10.36
CA GLU B 67 -21.20 5.26 -10.16
C GLU B 67 -20.99 5.89 -8.78
N ASP B 68 -20.65 5.07 -7.79
CA ASP B 68 -20.52 5.55 -6.41
C ASP B 68 -19.08 5.80 -5.96
N GLY B 69 -18.18 6.04 -6.92
CA GLY B 69 -16.79 6.27 -6.60
C GLY B 69 -16.03 4.99 -6.27
N ASN B 70 -16.67 3.85 -6.48
CA ASN B 70 -16.02 2.58 -6.19
C ASN B 70 -15.21 2.03 -7.35
N LEU B 71 -14.20 1.22 -7.01
CA LEU B 71 -13.32 0.65 -8.01
C LEU B 71 -13.51 -0.86 -8.08
N LEU B 72 -13.64 -1.37 -9.30
CA LEU B 72 -13.87 -2.78 -9.53
C LEU B 72 -12.76 -3.39 -10.36
N LEU B 73 -12.43 -4.65 -10.07
CA LEU B 73 -11.43 -5.38 -10.83
C LEU B 73 -12.10 -6.38 -11.77
N ASN B 74 -11.73 -6.36 -13.05
CA ASN B 74 -12.29 -7.32 -14.01
C ASN B 74 -11.17 -8.00 -14.81
N ASP B 75 -11.06 -9.32 -14.64
CA ASP B 75 -10.05 -10.10 -15.34
C ASP B 75 -10.54 -10.51 -16.72
N ILE B 76 -9.74 -10.27 -17.76
CA ILE B 76 -10.10 -10.65 -19.13
C ILE B 76 -8.93 -11.38 -19.80
N SER B 77 -8.04 -11.92 -18.97
CA SER B 77 -6.83 -12.50 -19.48
C SER B 77 -6.92 -13.98 -19.84
N THR B 78 -5.90 -14.46 -20.52
CA THR B 78 -5.74 -15.88 -20.82
C THR B 78 -5.25 -16.68 -19.59
N ASN B 79 -4.20 -16.19 -18.90
CA ASN B 79 -3.55 -16.98 -17.84
C ASN B 79 -3.92 -16.69 -16.39
N GLY B 80 -4.71 -15.65 -16.19
CA GLY B 80 -5.26 -15.41 -14.88
C GLY B 80 -4.84 -14.13 -14.17
N THR B 81 -5.67 -13.70 -13.25
CA THR B 81 -5.36 -12.55 -12.38
C THR B 81 -5.69 -12.96 -10.95
N TRP B 82 -4.83 -12.56 -10.00
CA TRP B 82 -4.96 -12.91 -8.59
C TRP B 82 -5.29 -11.66 -7.78
N LEU B 83 -6.19 -11.80 -6.81
CA LEU B 83 -6.52 -10.70 -5.93
C LEU B 83 -6.27 -11.20 -4.51
N ASN B 84 -5.33 -10.55 -3.83
CA ASN B 84 -4.94 -10.93 -2.47
C ASN B 84 -4.57 -12.43 -2.36
N GLY B 85 -3.87 -12.93 -3.38
CA GLY B 85 -3.39 -14.31 -3.39
C GLY B 85 -4.35 -15.37 -3.90
N GLN B 86 -5.51 -14.95 -4.38
CA GLN B 86 -6.50 -15.90 -4.87
C GLN B 86 -6.88 -15.59 -6.32
N LYS B 87 -6.93 -16.63 -7.16
CA LYS B 87 -7.26 -16.44 -8.57
C LYS B 87 -8.72 -16.03 -8.69
N VAL B 88 -8.98 -14.93 -9.40
CA VAL B 88 -10.34 -14.45 -9.53
C VAL B 88 -11.07 -15.14 -10.68
N GLU B 89 -12.39 -15.15 -10.62
CA GLU B 89 -13.19 -15.68 -11.71
C GLU B 89 -13.07 -14.73 -12.89
N LYS B 90 -12.84 -15.28 -14.08
CA LYS B 90 -12.70 -14.47 -15.28
C LYS B 90 -13.98 -13.76 -15.62
N ASN B 91 -13.86 -12.52 -16.08
CA ASN B 91 -15.00 -11.72 -16.50
C ASN B 91 -16.01 -11.43 -15.40
N SER B 92 -15.57 -11.47 -14.15
CA SER B 92 -16.46 -11.24 -13.01
C SER B 92 -15.98 -10.07 -12.13
N ASN B 93 -16.68 -8.94 -12.19
CA ASN B 93 -16.34 -7.77 -11.39
C ASN B 93 -16.13 -8.07 -9.90
N GLN B 94 -15.00 -7.63 -9.35
CA GLN B 94 -14.69 -7.82 -7.93
C GLN B 94 -14.42 -6.44 -7.33
N LEU B 95 -15.14 -6.08 -6.27
CA LEU B 95 -14.92 -4.78 -5.62
C LEU B 95 -13.55 -4.72 -4.97
N LEU B 96 -12.81 -3.66 -5.28
CA LEU B 96 -11.47 -3.48 -4.73
C LEU B 96 -11.53 -2.71 -3.43
N SER B 97 -10.60 -3.01 -2.54
CA SER B 97 -10.51 -2.33 -1.24
C SER B 97 -9.12 -1.77 -1.05
N GLN B 98 -9.00 -0.78 -0.16
CA GLN B 98 -7.72 -0.15 0.13
C GLN B 98 -6.62 -1.16 0.44
N GLY B 99 -5.50 -1.01 -0.24
CA GLY B 99 -4.34 -1.85 -0.06
C GLY B 99 -4.43 -3.20 -0.75
N ASP B 100 -5.49 -3.42 -1.53
CA ASP B 100 -5.65 -4.70 -2.23
C ASP B 100 -4.43 -4.96 -3.11
N GLU B 101 -4.02 -6.23 -3.21
CA GLU B 101 -2.89 -6.58 -4.06
C GLU B 101 -3.37 -7.41 -5.24
N ILE B 102 -3.06 -6.92 -6.44
CA ILE B 102 -3.43 -7.59 -7.69
C ILE B 102 -2.17 -8.23 -8.25
N THR B 103 -2.19 -9.55 -8.45
CA THR B 103 -1.01 -10.24 -8.96
C THR B 103 -1.26 -10.93 -10.31
N VAL B 104 -0.32 -10.79 -11.23
CA VAL B 104 -0.39 -11.49 -12.52
C VAL B 104 0.89 -12.29 -12.80
N GLY B 105 0.83 -13.27 -13.71
CA GLY B 105 2.00 -14.04 -14.10
C GLY B 105 2.30 -15.28 -13.27
N VAL B 106 1.47 -15.52 -12.26
CA VAL B 106 1.61 -16.68 -11.37
C VAL B 106 1.78 -17.96 -12.19
N GLY B 107 2.79 -18.75 -11.83
CA GLY B 107 3.07 -20.00 -12.53
C GLY B 107 4.51 -20.02 -13.00
N VAL B 108 5.06 -18.84 -13.23
CA VAL B 108 6.45 -18.67 -13.62
C VAL B 108 7.03 -17.54 -12.77
N GLU B 109 7.99 -17.87 -11.92
CA GLU B 109 8.59 -16.87 -11.01
C GLU B 109 9.06 -15.60 -11.69
N SER B 110 9.75 -15.75 -12.80
CA SER B 110 10.30 -14.63 -13.55
C SER B 110 9.23 -13.67 -14.09
N ASP B 111 7.98 -14.13 -14.14
CA ASP B 111 6.90 -13.37 -14.76
C ASP B 111 5.99 -12.67 -13.76
N ILE B 112 6.15 -12.97 -12.48
CA ILE B 112 5.26 -12.43 -11.46
C ILE B 112 5.37 -10.92 -11.28
N LEU B 113 4.20 -10.28 -11.23
CA LEU B 113 4.08 -8.83 -11.10
C LEU B 113 2.97 -8.55 -10.09
N SER B 114 3.26 -7.84 -9.01
CA SER B 114 2.26 -7.53 -8.00
C SER B 114 2.09 -6.04 -7.86
N LEU B 115 0.84 -5.63 -7.69
CA LEU B 115 0.48 -4.23 -7.62
C LEU B 115 -0.47 -4.00 -6.46
N VAL B 116 -0.20 -3.00 -5.62
CA VAL B 116 -1.10 -2.66 -4.54
C VAL B 116 -1.77 -1.34 -4.88
N ILE B 117 -3.08 -1.28 -4.67
CA ILE B 117 -3.87 -0.12 -5.00
C ILE B 117 -4.08 0.74 -3.78
N PHE B 118 -3.82 2.04 -3.92
CA PHE B 118 -4.07 3.01 -2.87
C PHE B 118 -5.04 4.02 -3.41
N ILE B 119 -6.21 4.02 -2.80
CA ILE B 119 -7.32 4.83 -3.23
C ILE B 119 -7.22 6.23 -2.60
N ASN B 120 -7.39 7.26 -3.44
CA ASN B 120 -7.45 8.63 -2.95
C ASN B 120 -8.84 8.95 -2.41
N ASP B 121 -8.99 8.99 -1.09
CA ASP B 121 -10.30 9.27 -0.50
C ASP B 121 -10.86 10.64 -0.88
N LYS B 122 -9.98 11.58 -1.23
CA LYS B 122 -10.44 12.91 -1.64
C LYS B 122 -11.31 12.85 -2.88
N PHE B 123 -11.06 11.87 -3.74
CA PHE B 123 -11.85 11.69 -4.95
C PHE B 123 -13.29 11.25 -4.66
N LYS B 124 -13.46 10.19 -3.88
CA LYS B 124 -14.80 9.76 -3.50
C LYS B 124 -15.56 10.92 -2.85
N GLN B 125 -14.88 11.65 -1.98
CA GLN B 125 -15.53 12.76 -1.29
C GLN B 125 -15.98 13.87 -2.25
N CYS B 126 -15.26 14.04 -3.36
CA CYS B 126 -15.67 15.01 -4.36
C CYS B 126 -16.86 14.46 -5.11
N LEU B 127 -17.19 13.20 -4.80
CA LEU B 127 -18.34 12.53 -5.40
C LEU B 127 -19.42 12.31 -4.34
N SER C 1 23.23 10.19 8.06
CA SER C 1 24.15 10.67 9.13
C SER C 1 23.37 11.06 10.39
N LEU C 2 24.05 11.22 11.51
CA LEU C 2 23.34 11.37 12.81
C LEU C 2 23.34 12.78 13.43
N GLU C 3 23.58 13.81 12.62
CA GLU C 3 23.66 15.16 13.16
C GLU C 3 22.32 15.60 13.76
N VAL C 4 22.38 16.60 14.63
CA VAL C 4 21.15 17.21 15.17
C VAL C 4 20.20 17.61 14.05
N GLU C 6 17.68 19.37 11.52
CA GLU C 6 17.35 20.72 10.98
C GLU C 6 15.92 21.06 11.36
N ALA C 7 15.76 22.08 12.19
CA ALA C 7 14.45 22.50 12.69
C ALA C 7 13.75 23.54 11.84
N ASP C 8 12.49 23.24 11.51
CA ASP C 8 11.68 24.20 10.77
C ASP C 8 11.45 25.47 11.59
N LEU D 2 0.46 -6.86 -32.47
CA LEU D 2 -0.58 -7.84 -32.04
C LEU D 2 -0.02 -9.23 -31.78
N GLU D 3 0.95 -9.35 -30.88
CA GLU D 3 1.50 -10.68 -30.60
C GLU D 3 0.59 -11.42 -29.64
N VAL D 4 0.04 -12.54 -30.09
CA VAL D 4 -0.90 -13.33 -29.28
C VAL D 4 -0.23 -13.87 -28.02
N GLU D 6 1.18 -16.07 -25.00
CA GLU D 6 1.61 -17.46 -24.73
C GLU D 6 0.69 -18.07 -23.68
N ALA D 7 0.08 -19.20 -24.00
CA ALA D 7 -0.92 -19.77 -23.09
C ALA D 7 -0.40 -20.90 -22.22
N ASP D 8 -0.74 -20.86 -20.94
CA ASP D 8 -0.51 -21.97 -20.04
C ASP D 8 -1.46 -23.09 -20.49
N ALA D 9 -0.98 -24.32 -20.44
CA ALA D 9 -1.75 -25.47 -20.94
C ALA D 9 -1.79 -26.55 -19.85
N THR D 10 -0.92 -27.56 -19.94
CA THR D 10 -0.89 -28.58 -18.88
C THR D 10 -0.80 -27.97 -17.49
N PHE D 11 0.06 -26.96 -17.34
CA PHE D 11 0.33 -26.36 -16.02
C PHE D 11 -0.45 -25.07 -15.72
N ALA D 12 -1.56 -24.89 -16.43
CA ALA D 12 -2.42 -23.73 -16.21
C ALA D 12 -2.88 -23.76 -14.76
N LYS D 13 -3.13 -22.58 -14.19
CA LYS D 13 -3.60 -22.48 -12.80
C LYS D 13 -5.12 -22.47 -12.77
#